data_3AUW
#
_entry.id   3AUW
#
_cell.length_a   100.808
_cell.length_b   100.808
_cell.length_c   105.812
_cell.angle_alpha   90.000
_cell.angle_beta   90.000
_cell.angle_gamma   90.000
#
_symmetry.space_group_name_H-M   'P 4 21 2'
#
loop_
_entity.id
_entity.type
_entity.pdbx_description
1 polymer 'Potassium inwardly-rectifying channel, subfamily J, member 6'
2 polymer 'Potassium inwardly-rectifying channel, subfamily J, member 6'
3 non-polymer 'CADMIUM ION'
4 non-polymer 'MAGNESIUM ION'
5 non-polymer ETHANOL
6 water water
#
loop_
_entity_poly.entity_id
_entity_poly.type
_entity_poly.pdbx_seq_one_letter_code
_entity_poly.pdbx_strand_id
1 'polypeptide(L)' GSHMRKIQRYVRKDGKCNVHHGNVRE A,C
2 'polypeptide(L)'
;KRAETLVFSTHAVISMRDGKLCLMFRVGDLRNSHIVEASIRAKLIKSKQTSEGEFIPLNQTDINVGYYTGDDRLFLVSPL
IISHEINQQSPFWEISKAQLPKEELEIVVILEGMVEATGMTCQARSSYITSEILWGYRFTPVLTLEDGFYEVDYNSFHET
YETSTPSLSAKELAELANRAEL
;
B,D
#
loop_
_chem_comp.id
_chem_comp.type
_chem_comp.name
_chem_comp.formula
CD non-polymer 'CADMIUM ION' 'Cd 2'
EOH non-polymer ETHANOL 'C2 H6 O'
MG non-polymer 'MAGNESIUM ION' 'Mg 2'
#
# COMPACT_ATOMS: atom_id res chain seq x y z
N ILE A 7 -41.52 -20.34 -18.04
CA ILE A 7 -40.67 -19.12 -18.10
C ILE A 7 -41.49 -17.84 -18.31
N GLN A 8 -41.26 -16.84 -17.46
CA GLN A 8 -41.94 -15.56 -17.60
C GLN A 8 -40.98 -14.51 -18.16
N ARG A 9 -41.51 -13.60 -18.99
CA ARG A 9 -40.69 -12.59 -19.64
C ARG A 9 -40.11 -11.57 -18.68
N TYR A 10 -39.04 -10.92 -19.12
CA TYR A 10 -38.46 -9.78 -18.43
C TYR A 10 -39.01 -8.53 -19.12
N VAL A 11 -39.17 -8.64 -20.43
CA VAL A 11 -39.69 -7.56 -21.26
C VAL A 11 -40.82 -8.09 -22.13
N ARG A 12 -41.85 -7.28 -22.33
CA ARG A 12 -42.98 -7.69 -23.17
C ARG A 12 -42.87 -7.16 -24.59
N LYS A 13 -43.36 -7.96 -25.53
CA LYS A 13 -43.29 -7.64 -26.95
C LYS A 13 -43.52 -6.16 -27.24
N ASP A 14 -44.58 -5.61 -26.68
CA ASP A 14 -44.90 -4.20 -26.87
C ASP A 14 -43.76 -3.29 -26.41
N GLY A 15 -43.15 -3.64 -25.28
CA GLY A 15 -41.99 -2.89 -24.80
C GLY A 15 -41.93 -2.64 -23.30
N LYS A 16 -43.05 -2.86 -22.59
CA LYS A 16 -43.11 -2.58 -21.15
C LYS A 16 -42.47 -3.69 -20.31
N CYS A 17 -41.86 -3.32 -19.19
CA CYS A 17 -41.14 -4.26 -18.35
C CYS A 17 -42.02 -4.97 -17.30
N ASN A 18 -41.38 -5.60 -16.31
CA ASN A 18 -42.09 -6.31 -15.23
C ASN A 18 -41.66 -5.87 -13.82
N VAL A 19 -42.65 -5.61 -12.96
CA VAL A 19 -42.61 -4.53 -11.95
C VAL A 19 -41.92 -4.71 -10.57
N HIS A 20 -41.80 -3.57 -9.88
CA HIS A 20 -41.05 -3.41 -8.63
C HIS A 20 -41.97 -2.98 -7.48
N HIS A 21 -41.41 -2.75 -6.30
CA HIS A 21 -42.18 -2.25 -5.14
C HIS A 21 -41.34 -1.38 -4.19
N GLY A 22 -41.47 -0.05 -4.32
CA GLY A 22 -40.69 0.89 -3.52
C GLY A 22 -41.34 2.24 -3.31
N ASN A 23 -40.65 3.10 -2.56
CA ASN A 23 -41.12 4.44 -2.20
C ASN A 23 -41.46 4.56 -0.72
N THR B 5 -35.82 8.70 -1.06
CA THR B 5 -35.17 7.43 -1.48
C THR B 5 -34.38 7.58 -2.79
N LEU B 6 -33.18 6.98 -2.83
CA LEU B 6 -32.29 7.11 -3.99
C LEU B 6 -31.89 5.78 -4.67
N VAL B 7 -31.19 5.89 -5.80
CA VAL B 7 -30.88 4.75 -6.66
C VAL B 7 -29.46 4.75 -7.24
N PHE B 8 -28.48 4.47 -6.38
CA PHE B 8 -27.08 4.36 -6.78
C PHE B 8 -26.31 3.71 -5.63
N SER B 9 -25.63 2.60 -5.93
CA SER B 9 -24.97 1.83 -4.87
C SER B 9 -24.07 2.67 -3.96
N THR B 10 -24.09 2.36 -2.67
CA THR B 10 -23.28 3.10 -1.71
C THR B 10 -21.84 2.60 -1.70
N HIS B 11 -21.65 1.33 -1.37
CA HIS B 11 -20.32 0.75 -1.35
C HIS B 11 -20.06 -0.05 -2.62
N ALA B 12 -18.79 -0.36 -2.87
CA ALA B 12 -18.41 -1.23 -3.96
C ALA B 12 -17.81 -2.53 -3.42
N VAL B 13 -17.93 -3.60 -4.20
CA VAL B 13 -17.44 -4.91 -3.77
C VAL B 13 -16.39 -5.46 -4.73
N ILE B 14 -15.50 -6.29 -4.19
CA ILE B 14 -14.53 -7.02 -5.00
C ILE B 14 -14.52 -8.49 -4.60
N SER B 15 -14.69 -9.36 -5.58
CA SER B 15 -14.67 -10.80 -5.35
C SER B 15 -14.55 -11.56 -6.68
N MET B 16 -14.66 -12.88 -6.63
CA MET B 16 -14.44 -13.70 -7.82
C MET B 16 -15.72 -13.89 -8.63
N ARG B 17 -15.58 -13.88 -9.95
CA ARG B 17 -16.68 -14.22 -10.85
C ARG B 17 -16.17 -15.05 -12.02
N ASP B 18 -16.29 -16.37 -11.91
CA ASP B 18 -15.75 -17.28 -12.91
C ASP B 18 -14.23 -17.17 -13.00
N GLY B 19 -13.57 -17.27 -11.85
CA GLY B 19 -12.11 -17.26 -11.79
C GLY B 19 -11.49 -15.89 -11.73
N LYS B 20 -11.97 -14.97 -12.56
CA LYS B 20 -11.40 -13.64 -12.65
C LYS B 20 -11.84 -12.79 -11.45
N LEU B 21 -10.97 -11.88 -11.02
CA LEU B 21 -11.29 -10.96 -9.93
C LEU B 21 -11.98 -9.72 -10.50
N CYS B 22 -13.02 -9.25 -9.82
CA CYS B 22 -13.83 -8.16 -10.35
C CYS B 22 -14.21 -7.11 -9.29
N LEU B 23 -14.21 -5.85 -9.72
CA LEU B 23 -14.71 -4.75 -8.92
C LEU B 23 -16.15 -4.46 -9.32
N MET B 24 -17.07 -4.57 -8.36
CA MET B 24 -18.48 -4.45 -8.67
C MET B 24 -19.17 -3.31 -7.95
N PHE B 25 -20.27 -2.85 -8.52
CA PHE B 25 -21.16 -1.89 -7.87
C PHE B 25 -22.52 -1.90 -8.55
N ARG B 26 -23.55 -1.56 -7.79
CA ARG B 26 -24.92 -1.56 -8.29
C ARG B 26 -25.28 -0.18 -8.84
N VAL B 27 -26.24 -0.15 -9.76
CA VAL B 27 -26.71 1.10 -10.30
C VAL B 27 -28.24 1.09 -10.42
N GLY B 28 -28.88 2.10 -9.86
CA GLY B 28 -30.34 2.14 -9.76
C GLY B 28 -31.05 2.68 -10.98
N ASP B 29 -32.32 2.28 -11.13
CA ASP B 29 -33.14 2.72 -12.26
C ASP B 29 -34.00 3.93 -11.87
N LEU B 30 -34.93 4.29 -12.75
CA LEU B 30 -35.90 5.36 -12.47
C LEU B 30 -37.29 4.77 -12.44
N ARG B 31 -38.06 5.12 -11.40
CA ARG B 31 -39.42 4.62 -11.29
C ARG B 31 -40.30 5.18 -12.40
N ASN B 32 -40.25 6.49 -12.60
CA ASN B 32 -41.19 7.17 -13.50
C ASN B 32 -40.81 7.21 -14.98
N SER B 33 -39.76 6.49 -15.38
CA SER B 33 -39.38 6.48 -16.79
C SER B 33 -38.28 5.49 -17.20
N HIS B 34 -38.16 5.28 -18.50
CA HIS B 34 -37.07 4.53 -19.12
C HIS B 34 -36.02 5.51 -19.65
N ILE B 35 -34.75 5.14 -19.54
CA ILE B 35 -33.67 5.98 -20.04
C ILE B 35 -33.13 5.46 -21.38
N VAL B 36 -33.13 6.32 -22.38
CA VAL B 36 -32.62 5.98 -23.70
C VAL B 36 -31.13 6.33 -23.79
N GLU B 37 -30.40 5.63 -24.64
CA GLU B 37 -29.00 5.93 -24.87
C GLU B 37 -28.25 6.02 -23.55
N ALA B 38 -28.74 5.28 -22.55
CA ALA B 38 -28.10 5.25 -21.25
C ALA B 38 -26.70 4.67 -21.37
N SER B 39 -25.73 5.30 -20.70
CA SER B 39 -24.36 4.78 -20.71
C SER B 39 -23.70 4.93 -19.35
N ILE B 40 -23.11 3.84 -18.87
CA ILE B 40 -22.35 3.89 -17.64
C ILE B 40 -20.86 3.98 -17.96
N ARG B 41 -20.18 4.86 -17.26
CA ARG B 41 -18.75 5.05 -17.42
C ARG B 41 -18.17 5.30 -16.04
N ALA B 42 -16.89 5.03 -15.88
CA ALA B 42 -16.26 5.19 -14.58
C ALA B 42 -14.81 5.60 -14.72
N LYS B 43 -14.42 6.64 -13.98
CA LYS B 43 -13.07 7.15 -14.02
C LYS B 43 -12.32 6.74 -12.76
N LEU B 44 -11.00 6.74 -12.83
CA LEU B 44 -10.19 6.53 -11.62
C LEU B 44 -9.38 7.77 -11.26
N ILE B 45 -9.78 8.41 -10.17
CA ILE B 45 -9.12 9.60 -9.67
C ILE B 45 -8.04 9.19 -8.66
N LYS B 46 -6.82 9.66 -8.88
CA LYS B 46 -5.72 9.34 -7.99
C LYS B 46 -4.46 10.08 -8.41
N SER B 47 -3.83 10.76 -7.46
CA SER B 47 -2.58 11.47 -7.74
C SER B 47 -1.45 10.48 -7.96
N LYS B 48 -0.55 10.84 -8.87
CA LYS B 48 0.63 10.03 -9.14
C LYS B 48 1.72 10.89 -9.77
N GLN B 49 2.95 10.68 -9.32
CA GLN B 49 4.09 11.41 -9.86
C GLN B 49 4.77 10.56 -10.92
N THR B 50 4.96 11.12 -12.12
CA THR B 50 5.71 10.42 -13.15
C THR B 50 7.14 10.23 -12.69
N SER B 51 7.67 9.05 -12.89
CA SER B 51 9.09 8.82 -12.64
C SER B 51 9.84 10.00 -13.24
N GLU B 52 9.18 10.67 -14.18
CA GLU B 52 9.81 11.77 -14.92
C GLU B 52 9.95 13.01 -14.06
N GLY B 53 9.33 13.00 -12.89
CA GLY B 53 9.46 14.11 -11.96
C GLY B 53 8.21 14.97 -11.83
N GLU B 54 7.37 14.96 -12.86
CA GLU B 54 6.14 15.74 -12.81
C GLU B 54 5.11 15.05 -11.91
N PHE B 55 4.55 15.81 -10.98
CA PHE B 55 3.55 15.28 -10.06
C PHE B 55 2.14 15.71 -10.44
N ILE B 56 1.36 14.77 -10.93
CA ILE B 56 -0.03 15.04 -11.30
C ILE B 56 -0.97 14.65 -10.16
N PRO B 57 -1.60 15.66 -9.55
CA PRO B 57 -2.50 15.46 -8.42
C PRO B 57 -3.92 15.27 -8.91
N LEU B 58 -4.47 14.09 -8.67
CA LEU B 58 -5.82 13.78 -9.12
C LEU B 58 -5.90 13.57 -10.64
N ASN B 59 -4.85 12.97 -11.20
CA ASN B 59 -4.90 12.51 -12.57
C ASN B 59 -6.06 11.55 -12.69
N GLN B 60 -6.77 11.60 -13.80
CA GLN B 60 -7.87 10.66 -14.02
C GLN B 60 -7.57 9.68 -15.14
N THR B 61 -8.10 8.46 -14.99
CA THR B 61 -7.92 7.41 -15.98
C THR B 61 -9.18 6.55 -16.09
N ASP B 62 -9.56 6.22 -17.32
CA ASP B 62 -10.80 5.51 -17.55
C ASP B 62 -10.73 4.08 -17.04
N ILE B 63 -11.89 3.52 -16.74
CA ILE B 63 -11.99 2.19 -16.14
C ILE B 63 -12.91 1.31 -16.97
N ASN B 64 -12.37 0.21 -17.47
CA ASN B 64 -13.13 -0.66 -18.33
C ASN B 64 -14.45 -1.07 -17.69
N VAL B 65 -15.54 -0.81 -18.39
CA VAL B 65 -16.87 -1.24 -17.96
C VAL B 65 -17.71 -1.70 -19.14
N GLY B 66 -17.04 -2.05 -20.24
CA GLY B 66 -17.73 -2.62 -21.39
C GLY B 66 -17.71 -1.76 -22.63
N TYR B 67 -16.84 -0.75 -22.62
CA TYR B 67 -16.68 0.13 -23.77
C TYR B 67 -16.42 -0.67 -25.04
N TYR B 68 -15.42 -1.54 -24.98
CA TYR B 68 -15.01 -2.32 -26.14
C TYR B 68 -16.09 -3.29 -26.59
N THR B 69 -16.72 -3.95 -25.63
CA THR B 69 -17.77 -4.94 -25.93
C THR B 69 -19.13 -4.27 -26.13
N GLY B 70 -19.20 -2.97 -25.84
CA GLY B 70 -20.44 -2.22 -25.96
C GLY B 70 -21.35 -2.44 -24.77
N ASP B 71 -20.89 -3.25 -23.83
CA ASP B 71 -21.68 -3.59 -22.65
C ASP B 71 -21.78 -2.46 -21.65
N ASP B 72 -21.33 -1.26 -22.04
CA ASP B 72 -21.46 -0.09 -21.18
C ASP B 72 -22.69 0.73 -21.54
N ARG B 73 -23.37 0.32 -22.61
CA ARG B 73 -24.65 0.91 -23.01
C ARG B 73 -25.79 0.13 -22.33
N LEU B 74 -26.29 0.69 -21.24
CA LEU B 74 -27.21 -0.03 -20.37
C LEU B 74 -28.65 -0.11 -20.85
N PHE B 75 -29.27 -1.26 -20.61
CA PHE B 75 -30.72 -1.40 -20.69
C PHE B 75 -31.25 -1.45 -19.27
N LEU B 76 -31.48 -0.28 -18.71
CA LEU B 76 -31.84 -0.14 -17.32
C LEU B 76 -33.35 -0.11 -17.14
N VAL B 77 -33.89 -1.19 -16.57
CA VAL B 77 -35.31 -1.25 -16.23
C VAL B 77 -35.43 -1.85 -14.83
N SER B 78 -34.28 -2.29 -14.32
CA SER B 78 -34.17 -2.93 -13.03
C SER B 78 -32.73 -2.75 -12.55
N PRO B 79 -32.54 -2.59 -11.23
CA PRO B 79 -31.20 -2.40 -10.68
C PRO B 79 -30.18 -3.33 -11.34
N LEU B 80 -29.05 -2.77 -11.76
CA LEU B 80 -28.01 -3.57 -12.40
C LEU B 80 -26.71 -3.53 -11.62
N ILE B 81 -25.95 -4.62 -11.72
CA ILE B 81 -24.68 -4.74 -11.04
C ILE B 81 -23.54 -4.61 -12.05
N ILE B 82 -23.06 -3.38 -12.24
CA ILE B 82 -21.93 -3.15 -13.12
C ILE B 82 -20.70 -3.88 -12.58
N SER B 83 -20.06 -4.68 -13.43
CA SER B 83 -18.89 -5.47 -13.00
C SER B 83 -17.64 -5.17 -13.82
N HIS B 84 -16.66 -4.55 -13.17
CA HIS B 84 -15.37 -4.33 -13.82
C HIS B 84 -14.49 -5.57 -13.63
N GLU B 85 -14.02 -6.14 -14.73
CA GLU B 85 -13.09 -7.26 -14.65
C GLU B 85 -11.68 -6.74 -14.47
N ILE B 86 -11.00 -7.21 -13.43
CA ILE B 86 -9.66 -6.72 -13.10
C ILE B 86 -8.58 -7.47 -13.86
N ASN B 87 -8.09 -6.84 -14.93
CA ASN B 87 -7.12 -7.43 -15.83
C ASN B 87 -5.81 -6.65 -15.82
N GLN B 88 -4.88 -7.06 -16.67
CA GLN B 88 -3.61 -6.37 -16.83
C GLN B 88 -3.82 -4.87 -16.94
N GLN B 89 -4.86 -4.47 -17.66
CA GLN B 89 -5.10 -3.07 -17.95
C GLN B 89 -6.01 -2.42 -16.92
N SER B 90 -6.16 -3.06 -15.77
CA SER B 90 -6.90 -2.47 -14.66
C SER B 90 -5.94 -1.78 -13.70
N PRO B 91 -6.32 -0.58 -13.21
CA PRO B 91 -5.51 0.15 -12.24
C PRO B 91 -5.43 -0.56 -10.88
N PHE B 92 -6.13 -1.67 -10.73
CA PHE B 92 -6.11 -2.43 -9.49
C PHE B 92 -5.36 -3.74 -9.65
N TRP B 93 -4.79 -3.93 -10.84
CA TRP B 93 -4.12 -5.17 -11.16
C TRP B 93 -3.18 -5.64 -10.05
N GLU B 94 -2.50 -4.69 -9.41
CA GLU B 94 -1.45 -5.01 -8.46
C GLU B 94 -1.87 -4.78 -7.01
N ILE B 95 -3.16 -4.54 -6.79
CA ILE B 95 -3.68 -4.23 -5.47
C ILE B 95 -4.32 -5.45 -4.79
N SER B 96 -3.91 -5.73 -3.56
CA SER B 96 -4.43 -6.86 -2.81
C SER B 96 -5.22 -6.40 -1.59
N LYS B 97 -5.99 -7.33 -1.00
CA LYS B 97 -6.86 -7.01 0.13
C LYS B 97 -6.16 -6.13 1.16
N ALA B 98 -5.00 -6.58 1.64
CA ALA B 98 -4.24 -5.86 2.65
C ALA B 98 -3.66 -4.56 2.09
N GLN B 99 -3.53 -4.50 0.76
CA GLN B 99 -2.99 -3.33 0.08
C GLN B 99 -4.04 -2.24 -0.13
N LEU B 100 -5.29 -2.67 -0.27
CA LEU B 100 -6.41 -1.80 -0.59
C LEU B 100 -6.53 -0.52 0.26
N PRO B 101 -6.83 -0.67 1.56
CA PRO B 101 -7.13 0.44 2.45
C PRO B 101 -6.08 1.56 2.43
N LYS B 102 -4.83 1.21 2.20
CA LYS B 102 -3.75 2.19 2.23
C LYS B 102 -3.49 2.85 0.87
N GLU B 103 -4.54 2.95 0.06
CA GLU B 103 -4.43 3.61 -1.24
C GLU B 103 -5.09 4.98 -1.21
N GLU B 104 -4.37 5.98 -1.68
CA GLU B 104 -4.88 7.34 -1.70
C GLU B 104 -5.54 7.60 -3.04
N LEU B 105 -6.73 7.03 -3.23
CA LEU B 105 -7.44 7.13 -4.50
C LEU B 105 -8.96 7.30 -4.34
N GLU B 106 -9.66 7.32 -5.47
CA GLU B 106 -11.10 7.49 -5.48
C GLU B 106 -11.68 7.08 -6.83
N ILE B 107 -12.84 6.45 -6.80
CA ILE B 107 -13.51 6.06 -8.04
C ILE B 107 -14.76 6.91 -8.26
N VAL B 108 -14.79 7.61 -9.39
CA VAL B 108 -15.97 8.36 -9.78
C VAL B 108 -16.79 7.53 -10.77
N VAL B 109 -18.10 7.52 -10.59
CA VAL B 109 -18.98 6.80 -11.47
C VAL B 109 -20.03 7.74 -12.05
N ILE B 110 -20.21 7.67 -13.36
CA ILE B 110 -21.05 8.62 -14.07
C ILE B 110 -22.08 7.91 -14.95
N LEU B 111 -23.34 8.29 -14.79
CA LEU B 111 -24.41 7.69 -15.58
C LEU B 111 -25.14 8.72 -16.42
N GLU B 112 -25.09 8.54 -17.75
CA GLU B 112 -25.72 9.50 -18.65
C GLU B 112 -26.78 8.83 -19.51
N GLY B 113 -27.83 9.58 -19.80
CA GLY B 113 -28.92 9.08 -20.64
C GLY B 113 -29.97 10.15 -20.83
N MET B 114 -30.81 9.95 -21.83
CA MET B 114 -31.90 10.88 -22.09
C MET B 114 -33.19 10.26 -21.56
N VAL B 115 -33.83 10.94 -20.61
CA VAL B 115 -35.08 10.45 -20.04
C VAL B 115 -36.20 10.53 -21.08
N GLU B 116 -37.14 9.59 -21.00
CA GLU B 116 -38.21 9.51 -21.99
C GLU B 116 -39.39 10.42 -21.67
N ALA B 117 -40.01 10.19 -20.51
CA ALA B 117 -41.15 10.99 -20.08
C ALA B 117 -40.81 12.47 -20.06
N THR B 118 -39.68 12.81 -19.43
CA THR B 118 -39.29 14.20 -19.23
C THR B 118 -38.69 14.85 -20.47
N GLY B 119 -38.29 14.03 -21.44
CA GLY B 119 -37.65 14.55 -22.64
C GLY B 119 -36.42 15.38 -22.33
N MET B 120 -35.83 15.16 -21.16
CA MET B 120 -34.57 15.80 -20.77
C MET B 120 -33.47 14.76 -20.61
N THR B 121 -32.22 15.23 -20.47
CA THR B 121 -31.10 14.32 -20.31
C THR B 121 -30.50 14.42 -18.91
N CYS B 122 -30.11 13.29 -18.35
CA CYS B 122 -29.62 13.25 -16.98
C CYS B 122 -28.15 12.89 -16.92
N GLN B 123 -27.52 13.24 -15.80
CA GLN B 123 -26.20 12.74 -15.44
C GLN B 123 -26.13 12.57 -13.93
N ALA B 124 -26.07 11.32 -13.48
CA ALA B 124 -25.94 11.03 -12.07
C ALA B 124 -24.52 10.59 -11.74
N ARG B 125 -23.81 11.46 -11.03
CA ARG B 125 -22.43 11.19 -10.64
C ARG B 125 -22.37 10.62 -9.23
N SER B 126 -21.32 9.88 -8.93
CA SER B 126 -21.09 9.38 -7.58
C SER B 126 -19.66 8.87 -7.44
N SER B 127 -19.25 8.56 -6.21
CA SER B 127 -17.86 8.20 -5.97
C SER B 127 -17.71 7.11 -4.90
N TYR B 128 -16.48 6.63 -4.76
CA TYR B 128 -16.11 5.68 -3.72
C TYR B 128 -14.67 5.91 -3.29
N ILE B 129 -14.47 6.18 -2.01
CA ILE B 129 -13.12 6.36 -1.47
C ILE B 129 -12.56 5.03 -0.99
N THR B 130 -11.25 4.92 -0.94
CA THR B 130 -10.58 3.69 -0.55
C THR B 130 -11.30 3.00 0.61
N SER B 131 -11.79 3.80 1.54
CA SER B 131 -12.46 3.29 2.73
C SER B 131 -13.94 3.01 2.47
N GLU B 132 -14.32 2.92 1.20
CA GLU B 132 -15.71 2.63 0.83
C GLU B 132 -15.80 1.47 -0.15
N ILE B 133 -14.66 0.87 -0.42
CA ILE B 133 -14.62 -0.32 -1.26
C ILE B 133 -14.46 -1.55 -0.36
N LEU B 134 -15.38 -2.49 -0.50
CA LEU B 134 -15.40 -3.64 0.39
C LEU B 134 -14.83 -4.89 -0.27
N TRP B 135 -13.70 -5.36 0.24
CA TRP B 135 -13.03 -6.52 -0.33
C TRP B 135 -13.60 -7.83 0.22
N GLY B 136 -14.03 -8.71 -0.68
CA GLY B 136 -14.51 -10.03 -0.30
C GLY B 136 -16.00 -10.10 -0.07
N TYR B 137 -16.73 -9.23 -0.74
CA TYR B 137 -18.18 -9.18 -0.60
C TYR B 137 -18.88 -9.26 -1.95
N ARG B 138 -20.16 -9.61 -1.90
CA ARG B 138 -21.00 -9.65 -3.09
C ARG B 138 -22.31 -8.96 -2.75
N PHE B 139 -23.00 -8.47 -3.76
CA PHE B 139 -24.27 -7.79 -3.52
C PHE B 139 -25.38 -8.80 -3.27
N THR B 140 -26.21 -8.52 -2.28
CA THR B 140 -27.41 -9.31 -2.06
C THR B 140 -28.28 -9.17 -3.30
N PRO B 141 -28.81 -10.29 -3.82
CA PRO B 141 -29.73 -10.19 -4.95
C PRO B 141 -30.94 -9.34 -4.57
N VAL B 142 -31.52 -8.66 -5.54
CA VAL B 142 -32.72 -7.87 -5.30
C VAL B 142 -33.77 -8.11 -6.36
N LEU B 143 -33.69 -9.28 -7.00
CA LEU B 143 -34.66 -9.65 -8.04
C LEU B 143 -35.10 -11.09 -7.91
N THR B 144 -36.23 -11.31 -7.24
CA THR B 144 -36.78 -12.65 -7.09
C THR B 144 -37.76 -12.98 -8.21
N LEU B 145 -37.66 -14.19 -8.71
CA LEU B 145 -38.52 -14.65 -9.80
C LEU B 145 -39.67 -15.51 -9.26
N GLU B 146 -40.62 -14.84 -8.61
CA GLU B 146 -41.81 -15.50 -8.04
C GLU B 146 -42.60 -16.22 -9.12
N ASP B 147 -43.62 -16.96 -8.70
CA ASP B 147 -44.47 -17.68 -9.63
C ASP B 147 -45.10 -16.72 -10.64
N GLY B 148 -44.58 -16.73 -11.86
CA GLY B 148 -45.05 -15.83 -12.91
C GLY B 148 -44.95 -14.38 -12.47
N PHE B 149 -43.82 -14.01 -11.88
CA PHE B 149 -43.63 -12.67 -11.33
C PHE B 149 -42.15 -12.39 -11.04
N TYR B 150 -41.65 -11.29 -11.57
CA TYR B 150 -40.30 -10.81 -11.26
C TYR B 150 -40.41 -9.60 -10.35
N GLU B 151 -39.70 -9.60 -9.22
CA GLU B 151 -39.78 -8.47 -8.30
C GLU B 151 -38.49 -8.09 -7.59
N VAL B 152 -38.34 -6.78 -7.38
CA VAL B 152 -37.16 -6.21 -6.73
C VAL B 152 -37.46 -5.82 -5.28
N ASP B 153 -36.46 -5.94 -4.41
CA ASP B 153 -36.60 -5.47 -3.04
C ASP B 153 -35.59 -4.37 -2.75
N TYR B 154 -35.97 -3.13 -3.06
CA TYR B 154 -35.07 -2.00 -2.87
C TYR B 154 -34.69 -1.82 -1.40
N ASN B 155 -35.27 -2.66 -0.55
CA ASN B 155 -34.87 -2.73 0.85
C ASN B 155 -33.51 -3.43 0.95
N SER B 156 -33.21 -4.28 -0.02
CA SER B 156 -31.93 -4.98 -0.10
C SER B 156 -31.02 -4.38 -1.17
N PHE B 157 -31.38 -3.19 -1.65
CA PHE B 157 -30.63 -2.54 -2.73
C PHE B 157 -29.16 -2.36 -2.40
N HIS B 158 -28.87 -2.02 -1.15
CA HIS B 158 -27.48 -1.79 -0.73
C HIS B 158 -26.92 -2.97 0.06
N GLU B 159 -27.79 -3.87 0.50
CA GLU B 159 -27.40 -5.00 1.35
C GLU B 159 -26.32 -5.87 0.72
N THR B 160 -25.25 -6.13 1.46
CA THR B 160 -24.12 -6.91 0.96
C THR B 160 -23.65 -7.93 1.99
N TYR B 161 -23.36 -9.14 1.51
CA TYR B 161 -22.86 -10.20 2.39
C TYR B 161 -21.41 -10.54 2.09
N GLU B 162 -20.78 -11.28 2.99
CA GLU B 162 -19.37 -11.63 2.88
C GLU B 162 -19.15 -13.00 2.25
N THR B 163 -18.19 -13.10 1.34
CA THR B 163 -17.89 -14.35 0.65
C THR B 163 -16.40 -14.68 0.69
N SER B 164 -16.08 -15.96 0.64
CA SER B 164 -14.69 -16.40 0.66
C SER B 164 -13.91 -15.78 -0.49
N THR B 165 -12.89 -15.01 -0.16
CA THR B 165 -12.11 -14.33 -1.18
C THR B 165 -10.65 -14.22 -0.78
N PRO B 166 -9.76 -14.79 -1.61
CA PRO B 166 -8.31 -14.75 -1.42
C PRO B 166 -7.79 -13.31 -1.29
N SER B 167 -6.80 -13.11 -0.44
CA SER B 167 -6.26 -11.79 -0.19
C SER B 167 -5.01 -11.54 -1.00
N LEU B 168 -5.07 -11.88 -2.28
CA LEU B 168 -3.92 -11.67 -3.18
C LEU B 168 -4.22 -10.60 -4.23
N SER B 169 -3.16 -10.00 -4.76
CA SER B 169 -3.30 -9.03 -5.84
C SER B 169 -3.67 -9.74 -7.14
N ALA B 170 -4.57 -9.14 -7.91
CA ALA B 170 -5.01 -9.70 -9.17
C ALA B 170 -3.85 -10.28 -9.97
N LYS B 171 -2.74 -9.56 -9.99
CA LYS B 171 -1.54 -10.00 -10.71
C LYS B 171 -1.01 -11.29 -10.12
N GLU B 172 -0.92 -11.34 -8.80
CA GLU B 172 -0.41 -12.52 -8.12
C GLU B 172 -1.31 -13.73 -8.36
N LEU B 173 -2.62 -13.52 -8.26
CA LEU B 173 -3.57 -14.60 -8.49
C LEU B 173 -3.36 -15.23 -9.86
N ALA B 174 -3.02 -14.41 -10.84
CA ALA B 174 -2.80 -14.89 -12.20
C ALA B 174 -1.42 -15.54 -12.34
N GLU B 175 -0.51 -15.22 -11.43
CA GLU B 175 0.83 -15.80 -11.46
C GLU B 175 0.85 -17.22 -10.89
N LEU B 176 0.09 -17.42 -9.82
CA LEU B 176 -0.09 -18.74 -9.25
C LEU B 176 -0.82 -19.65 -10.25
N ALA B 177 -1.81 -19.07 -10.92
CA ALA B 177 -2.61 -19.80 -11.90
C ALA B 177 -1.73 -20.45 -12.97
N ASN B 178 -0.63 -19.78 -13.33
CA ASN B 178 0.28 -20.32 -14.33
C ASN B 178 0.98 -21.58 -13.85
N ARG B 179 1.31 -21.60 -12.57
CA ARG B 179 2.04 -22.75 -12.01
C ARG B 179 1.15 -23.99 -11.88
N ILE C 7 4.98 -20.02 24.13
CA ILE C 7 6.04 -18.99 23.91
C ILE C 7 7.44 -19.63 23.83
N GLN C 8 8.14 -19.32 22.74
CA GLN C 8 9.52 -19.76 22.58
C GLN C 8 10.46 -18.78 23.27
N ARG C 9 11.62 -19.25 23.71
CA ARG C 9 12.60 -18.38 24.33
C ARG C 9 13.61 -17.86 23.29
N TYR C 10 14.15 -16.68 23.54
CA TYR C 10 15.06 -16.02 22.60
C TYR C 10 16.52 -16.16 23.02
N VAL C 11 16.74 -16.31 24.32
CA VAL C 11 18.07 -16.54 24.87
C VAL C 11 17.97 -17.47 26.06
N ARG C 12 18.47 -18.69 25.91
CA ARG C 12 18.32 -19.72 26.94
C ARG C 12 18.87 -19.25 28.29
N LYS C 13 18.40 -19.87 29.36
CA LYS C 13 18.75 -19.45 30.71
C LYS C 13 20.25 -19.27 30.95
N ASP C 14 21.04 -20.27 30.56
CA ASP C 14 22.49 -20.21 30.79
C ASP C 14 23.20 -19.25 29.82
N GLY C 15 22.43 -18.47 29.07
CA GLY C 15 23.01 -17.45 28.20
C GLY C 15 23.26 -17.84 26.76
N LYS C 16 22.89 -19.06 26.36
CA LYS C 16 23.05 -19.49 24.98
C LYS C 16 22.01 -18.85 24.07
N CYS C 17 22.31 -18.82 22.77
CA CYS C 17 21.45 -18.18 21.77
C CYS C 17 20.58 -19.20 21.02
N ASN C 18 19.68 -18.72 20.16
CA ASN C 18 18.84 -19.61 19.35
C ASN C 18 19.16 -19.61 17.84
N VAL C 19 19.08 -20.80 17.25
CA VAL C 19 19.81 -21.14 16.02
C VAL C 19 19.38 -20.48 14.70
N HIS C 20 20.36 -20.35 13.79
CA HIS C 20 20.20 -19.70 12.48
C HIS C 20 19.97 -20.72 11.36
N HIS C 21 20.08 -20.28 10.10
CA HIS C 21 19.68 -21.12 8.96
C HIS C 21 20.65 -21.17 7.77
N GLY C 22 21.19 -22.36 7.53
CA GLY C 22 21.88 -22.70 6.27
C GLY C 22 22.98 -21.80 5.76
N ASN C 23 23.91 -21.42 6.64
CA ASN C 23 25.07 -20.62 6.23
C ASN C 23 24.78 -19.69 5.06
N THR D 5 30.68 -12.89 5.50
CA THR D 5 31.62 -11.89 4.92
C THR D 5 30.95 -10.55 4.60
N LEU D 6 29.61 -10.54 4.65
CA LEU D 6 28.84 -9.30 4.50
C LEU D 6 28.11 -8.97 5.80
N VAL D 7 28.44 -7.83 6.39
CA VAL D 7 27.92 -7.47 7.72
C VAL D 7 26.74 -6.49 7.66
N PHE D 8 26.96 -5.33 7.07
CA PHE D 8 25.91 -4.32 6.95
C PHE D 8 25.02 -4.59 5.74
N SER D 9 23.92 -3.84 5.66
CA SER D 9 23.06 -3.88 4.48
C SER D 9 23.56 -2.86 3.45
N THR D 10 23.41 -3.19 2.18
CA THR D 10 23.92 -2.33 1.11
C THR D 10 23.22 -0.97 1.06
N HIS D 11 21.94 -0.95 1.41
CA HIS D 11 21.15 0.28 1.38
C HIS D 11 20.51 0.54 2.74
N ALA D 12 20.19 1.81 2.99
CA ALA D 12 19.41 2.18 4.17
C ALA D 12 18.08 2.73 3.69
N VAL D 13 16.99 2.35 4.36
CA VAL D 13 15.66 2.78 3.93
C VAL D 13 15.10 3.89 4.82
N ILE D 14 14.13 4.63 4.28
CA ILE D 14 13.43 5.65 5.05
C ILE D 14 11.94 5.37 5.03
N SER D 15 11.31 5.43 6.20
CA SER D 15 9.87 5.24 6.28
C SER D 15 9.33 5.52 7.69
N MET D 16 8.03 5.32 7.85
CA MET D 16 7.35 5.66 9.09
C MET D 16 7.44 4.55 10.12
N ARG D 17 7.78 4.91 11.35
CA ARG D 17 7.67 3.98 12.47
C ARG D 17 6.91 4.59 13.63
N ASP D 18 5.69 4.12 13.83
CA ASP D 18 4.79 4.65 14.84
C ASP D 18 4.69 6.18 14.76
N GLY D 19 4.28 6.66 13.59
CA GLY D 19 4.12 8.10 13.36
C GLY D 19 5.42 8.80 13.04
N LYS D 20 6.51 8.33 13.63
CA LYS D 20 7.81 8.95 13.43
C LYS D 20 8.39 8.52 12.09
N LEU D 21 9.13 9.44 11.47
CA LEU D 21 9.85 9.15 10.24
C LEU D 21 11.26 8.68 10.62
N CYS D 22 11.67 7.54 10.08
CA CYS D 22 12.92 6.92 10.50
C CYS D 22 13.82 6.50 9.35
N LEU D 23 15.12 6.72 9.52
CA LEU D 23 16.13 6.20 8.61
C LEU D 23 16.70 4.92 9.20
N MET D 24 16.54 3.82 8.46
CA MET D 24 16.93 2.51 8.95
C MET D 24 18.03 1.86 8.13
N PHE D 25 18.74 0.94 8.76
CA PHE D 25 19.70 0.08 8.08
C PHE D 25 19.93 -1.16 8.93
N ARG D 26 20.02 -2.31 8.29
CA ARG D 26 20.26 -3.57 9.00
C ARG D 26 21.73 -3.72 9.35
N VAL D 27 21.99 -4.37 10.47
CA VAL D 27 23.35 -4.68 10.87
C VAL D 27 23.39 -6.16 11.25
N GLY D 28 24.40 -6.88 10.76
CA GLY D 28 24.45 -8.33 10.92
C GLY D 28 25.33 -8.82 12.06
N ASP D 29 25.04 -10.02 12.54
CA ASP D 29 25.75 -10.58 13.69
C ASP D 29 26.99 -11.37 13.27
N LEU D 30 27.63 -12.02 14.25
CA LEU D 30 28.73 -12.93 13.98
C LEU D 30 28.20 -14.35 13.99
N ARG D 31 28.54 -15.11 12.96
CA ARG D 31 28.05 -16.47 12.84
C ARG D 31 28.85 -17.40 13.74
N ASN D 32 30.09 -17.04 14.02
CA ASN D 32 30.99 -17.94 14.74
C ASN D 32 31.08 -17.75 16.26
N SER D 33 30.69 -16.56 16.75
CA SER D 33 30.71 -16.29 18.19
C SER D 33 30.01 -14.99 18.57
N HIS D 34 29.99 -14.69 19.88
CA HIS D 34 29.33 -13.50 20.41
C HIS D 34 30.20 -12.24 20.36
N ILE D 35 29.54 -11.08 20.27
CA ILE D 35 30.23 -9.80 20.36
C ILE D 35 30.03 -9.21 21.74
N VAL D 36 31.13 -8.86 22.38
CA VAL D 36 31.08 -8.26 23.71
C VAL D 36 31.21 -6.74 23.63
N GLU D 37 30.32 -6.04 24.34
CA GLU D 37 30.35 -4.60 24.36
C GLU D 37 30.19 -4.05 22.95
N ALA D 38 29.15 -4.52 22.27
CA ALA D 38 28.82 -4.02 20.95
C ALA D 38 28.50 -2.54 21.02
N SER D 39 28.49 -1.88 19.86
CA SER D 39 28.07 -0.48 19.80
C SER D 39 28.09 0.04 18.37
N ILE D 40 26.93 0.47 17.90
CA ILE D 40 26.84 1.09 16.59
C ILE D 40 26.81 2.61 16.75
N ARG D 41 27.49 3.29 15.83
CA ARG D 41 27.50 4.74 15.80
C ARG D 41 27.56 5.17 14.34
N ALA D 42 27.04 6.34 14.05
CA ALA D 42 27.01 6.81 12.67
C ALA D 42 27.38 8.29 12.57
N LYS D 43 27.97 8.65 11.44
CA LYS D 43 28.37 10.04 11.19
C LYS D 43 27.72 10.54 9.90
N LEU D 44 27.43 11.83 9.85
CA LEU D 44 27.00 12.46 8.61
C LEU D 44 28.12 13.30 8.03
N ILE D 45 28.83 12.73 7.06
CA ILE D 45 29.90 13.43 6.37
C ILE D 45 29.31 14.26 5.24
N LYS D 46 29.28 15.58 5.42
CA LYS D 46 28.65 16.45 4.44
C LYS D 46 29.36 17.80 4.34
N SER D 47 29.73 18.17 3.13
CA SER D 47 30.43 19.43 2.89
C SER D 47 29.50 20.61 3.12
N LYS D 48 29.92 21.54 3.96
CA LYS D 48 29.11 22.72 4.24
C LYS D 48 29.97 23.94 4.51
N GLN D 49 29.37 25.11 4.33
CA GLN D 49 30.09 26.37 4.51
C GLN D 49 29.42 27.22 5.60
N THR D 50 30.21 27.70 6.54
CA THR D 50 29.67 28.45 7.66
C THR D 50 29.03 29.76 7.21
N SER D 51 27.99 30.18 7.92
CA SER D 51 27.30 31.43 7.60
C SER D 51 28.30 32.57 7.43
N GLU D 52 29.56 32.30 7.74
CA GLU D 52 30.62 33.30 7.65
C GLU D 52 31.50 33.13 6.42
N GLY D 53 31.42 31.96 5.78
CA GLY D 53 32.20 31.69 4.57
C GLY D 53 33.15 30.53 4.69
N GLU D 54 33.70 30.32 5.89
CA GLU D 54 34.64 29.22 6.10
C GLU D 54 34.08 27.90 5.58
N PHE D 55 34.53 27.51 4.39
CA PHE D 55 34.04 26.31 3.75
C PHE D 55 34.63 25.06 4.40
N ILE D 56 33.75 24.18 4.87
CA ILE D 56 34.17 22.91 5.45
C ILE D 56 33.74 21.75 4.57
N PRO D 57 34.70 21.19 3.82
CA PRO D 57 34.36 20.05 2.97
C PRO D 57 34.32 18.78 3.79
N LEU D 58 33.38 17.90 3.49
CA LEU D 58 33.21 16.66 4.23
C LEU D 58 33.17 16.91 5.73
N ASN D 59 32.27 17.78 6.17
CA ASN D 59 32.05 17.97 7.58
C ASN D 59 31.45 16.70 8.17
N GLN D 60 31.84 16.39 9.40
CA GLN D 60 31.38 15.18 10.05
C GLN D 60 30.55 15.52 11.27
N THR D 61 29.31 15.02 11.31
CA THR D 61 28.44 15.24 12.46
C THR D 61 27.75 13.94 12.84
N ASP D 62 27.90 13.54 14.08
CA ASP D 62 27.35 12.26 14.53
C ASP D 62 25.85 12.22 14.32
N ILE D 63 25.32 11.02 14.13
CA ILE D 63 23.89 10.81 13.94
C ILE D 63 23.32 10.02 15.10
N ASN D 64 22.23 10.51 15.67
CA ASN D 64 21.61 9.88 16.82
C ASN D 64 21.10 8.48 16.51
N VAL D 65 21.55 7.50 17.27
CA VAL D 65 21.11 6.12 17.10
C VAL D 65 21.10 5.37 18.43
N GLY D 66 21.04 6.10 19.53
CA GLY D 66 20.91 5.49 20.84
C GLY D 66 21.80 6.07 21.94
N TYR D 67 22.81 6.84 21.55
CA TYR D 67 23.78 7.36 22.52
C TYR D 67 23.14 7.83 23.83
N TYR D 68 22.02 8.53 23.73
CA TYR D 68 21.37 9.10 24.91
C TYR D 68 20.72 8.03 25.78
N THR D 69 19.91 7.18 25.17
CA THR D 69 19.17 6.17 25.91
C THR D 69 20.03 4.97 26.28
N GLY D 70 21.10 4.76 25.53
CA GLY D 70 21.96 3.58 25.72
C GLY D 70 21.61 2.51 24.70
N ASP D 71 20.60 2.81 23.87
CA ASP D 71 20.13 1.87 22.85
C ASP D 71 21.13 1.68 21.71
N ASP D 72 22.27 2.33 21.79
CA ASP D 72 23.31 2.11 20.79
C ASP D 72 24.33 1.11 21.30
N ARG D 73 24.06 0.56 22.48
CA ARG D 73 24.84 -0.56 23.01
C ARG D 73 24.09 -1.84 22.67
N LEU D 74 24.48 -2.46 21.56
CA LEU D 74 23.68 -3.51 20.96
C LEU D 74 23.89 -4.90 21.56
N PHE D 75 22.79 -5.64 21.68
CA PHE D 75 22.85 -7.07 21.96
C PHE D 75 22.64 -7.80 20.65
N LEU D 76 23.70 -8.43 20.14
CA LEU D 76 23.73 -8.87 18.74
C LEU D 76 23.92 -10.38 18.56
N VAL D 77 22.81 -11.09 18.37
CA VAL D 77 22.84 -12.52 18.08
C VAL D 77 22.14 -12.82 16.75
N SER D 78 21.47 -11.79 16.21
CA SER D 78 20.84 -11.88 14.91
C SER D 78 20.84 -10.51 14.23
N PRO D 79 20.37 -10.45 12.98
CA PRO D 79 20.35 -9.22 12.19
C PRO D 79 19.41 -8.17 12.78
N LEU D 80 19.95 -7.00 13.08
CA LEU D 80 19.16 -5.94 13.69
C LEU D 80 19.00 -4.73 12.79
N ILE D 81 17.76 -4.25 12.67
CA ILE D 81 17.48 -3.03 11.95
C ILE D 81 17.74 -1.85 12.88
N ILE D 82 18.76 -1.08 12.57
CA ILE D 82 19.07 0.11 13.37
C ILE D 82 18.25 1.31 12.88
N SER D 83 17.34 1.78 13.72
CA SER D 83 16.45 2.87 13.36
C SER D 83 16.92 4.21 13.90
N HIS D 84 17.07 5.17 13.00
CA HIS D 84 17.35 6.54 13.41
C HIS D 84 16.06 7.34 13.32
N GLU D 85 15.58 7.83 14.46
CA GLU D 85 14.37 8.64 14.50
C GLU D 85 14.72 10.06 14.06
N ILE D 86 14.03 10.56 13.04
CA ILE D 86 14.30 11.89 12.50
C ILE D 86 13.58 12.98 13.29
N ASN D 87 14.32 13.63 14.18
CA ASN D 87 13.74 14.62 15.07
C ASN D 87 14.25 16.04 14.80
N GLN D 88 13.66 17.00 15.49
CA GLN D 88 14.12 18.39 15.46
C GLN D 88 15.63 18.49 15.25
N GLN D 89 16.39 17.72 16.04
CA GLN D 89 17.85 17.84 16.08
C GLN D 89 18.56 17.00 15.02
N SER D 90 17.84 16.08 14.39
CA SER D 90 18.41 15.20 13.38
C SER D 90 18.83 15.95 12.12
N PRO D 91 19.92 15.51 11.48
CA PRO D 91 20.37 16.12 10.24
C PRO D 91 19.59 15.62 9.03
N PHE D 92 18.28 15.48 9.20
CA PHE D 92 17.39 15.09 8.11
C PHE D 92 16.06 15.79 8.28
N TRP D 93 16.04 16.78 9.15
CA TRP D 93 14.83 17.53 9.45
C TRP D 93 14.20 18.06 8.18
N GLU D 94 14.96 18.89 7.45
CA GLU D 94 14.41 19.64 6.32
C GLU D 94 14.58 18.96 4.97
N ILE D 95 15.01 17.70 4.98
CA ILE D 95 15.21 16.95 3.75
C ILE D 95 13.94 16.23 3.31
N SER D 96 13.54 16.46 2.05
CA SER D 96 12.32 15.87 1.52
C SER D 96 12.62 14.85 0.42
N LYS D 97 11.63 14.00 0.14
CA LYS D 97 11.75 12.95 -0.87
C LYS D 97 12.45 13.44 -2.14
N ALA D 98 11.97 14.57 -2.66
CA ALA D 98 12.52 15.14 -3.89
C ALA D 98 13.86 15.83 -3.66
N GLN D 99 14.00 16.45 -2.50
CA GLN D 99 15.20 17.19 -2.15
C GLN D 99 16.39 16.27 -1.87
N LEU D 100 16.09 15.01 -1.57
CA LEU D 100 17.09 14.04 -1.12
C LEU D 100 18.25 13.87 -2.11
N PRO D 101 17.96 13.31 -3.30
CA PRO D 101 19.00 13.06 -4.29
C PRO D 101 19.79 14.31 -4.65
N LYS D 102 19.14 15.46 -4.57
CA LYS D 102 19.79 16.74 -4.88
C LYS D 102 20.88 17.08 -3.87
N GLU D 103 20.74 16.56 -2.65
CA GLU D 103 21.73 16.76 -1.59
C GLU D 103 22.90 15.79 -1.73
N GLU D 104 24.12 16.32 -1.79
CA GLU D 104 25.32 15.49 -1.86
C GLU D 104 25.82 15.15 -0.46
N LEU D 105 25.51 13.94 0.00
CA LEU D 105 25.82 13.54 1.37
C LEU D 105 26.19 12.06 1.48
N GLU D 106 26.95 11.74 2.53
CA GLU D 106 27.39 10.37 2.77
C GLU D 106 27.16 9.99 4.23
N ILE D 107 26.86 8.72 4.44
CA ILE D 107 26.60 8.18 5.76
C ILE D 107 27.54 7.03 6.08
N VAL D 108 28.42 7.25 7.06
CA VAL D 108 29.36 6.23 7.48
C VAL D 108 28.85 5.51 8.71
N VAL D 109 28.68 4.20 8.60
CA VAL D 109 28.28 3.38 9.73
C VAL D 109 29.49 2.66 10.32
N ILE D 110 29.57 2.65 11.64
CA ILE D 110 30.72 2.08 12.33
C ILE D 110 30.26 1.18 13.46
N LEU D 111 30.77 -0.04 13.51
CA LEU D 111 30.40 -0.98 14.54
C LEU D 111 31.63 -1.51 15.28
N GLU D 112 31.75 -1.16 16.55
CA GLU D 112 32.89 -1.58 17.35
C GLU D 112 32.49 -2.51 18.49
N GLY D 113 33.26 -3.59 18.64
CA GLY D 113 33.03 -4.55 19.71
C GLY D 113 34.15 -5.57 19.76
N MET D 114 34.63 -5.84 20.97
CA MET D 114 35.66 -6.85 21.18
C MET D 114 35.05 -8.23 21.00
N VAL D 115 35.66 -9.06 20.16
CA VAL D 115 35.13 -10.39 19.86
C VAL D 115 35.50 -11.40 20.94
N GLU D 116 34.53 -12.22 21.33
CA GLU D 116 34.74 -13.19 22.39
C GLU D 116 35.61 -14.37 21.94
N ALA D 117 35.29 -14.92 20.77
CA ALA D 117 36.02 -16.05 20.22
C ALA D 117 37.52 -15.75 20.14
N THR D 118 37.87 -14.79 19.30
CA THR D 118 39.27 -14.42 19.10
C THR D 118 39.88 -13.74 20.33
N GLY D 119 39.04 -13.06 21.10
CA GLY D 119 39.52 -12.27 22.22
C GLY D 119 40.20 -11.01 21.73
N MET D 120 39.62 -10.40 20.70
CA MET D 120 40.19 -9.19 20.09
C MET D 120 39.12 -8.20 19.61
N THR D 121 39.55 -6.97 19.36
CA THR D 121 38.64 -5.89 18.99
C THR D 121 38.52 -5.73 17.49
N CYS D 122 37.33 -5.36 17.03
CA CYS D 122 37.03 -5.21 15.62
C CYS D 122 36.29 -3.90 15.37
N GLN D 123 36.45 -3.36 14.18
CA GLN D 123 35.69 -2.19 13.76
C GLN D 123 35.26 -2.33 12.31
N ALA D 124 33.99 -2.64 12.10
CA ALA D 124 33.45 -2.71 10.76
C ALA D 124 32.82 -1.36 10.37
N ARG D 125 33.33 -0.78 9.29
CA ARG D 125 32.80 0.47 8.76
C ARG D 125 32.04 0.18 7.47
N SER D 126 31.15 1.08 7.09
CA SER D 126 30.52 1.02 5.77
C SER D 126 29.88 2.36 5.43
N SER D 127 29.44 2.52 4.20
CA SER D 127 28.92 3.80 3.76
C SER D 127 27.67 3.73 2.90
N TYR D 128 26.84 4.77 3.04
CA TYR D 128 25.67 4.95 2.19
C TYR D 128 25.76 6.34 1.57
N ILE D 129 25.60 6.40 0.24
CA ILE D 129 25.62 7.67 -0.45
C ILE D 129 24.19 8.08 -0.77
N THR D 130 24.02 9.33 -1.19
CA THR D 130 22.71 9.86 -1.52
C THR D 130 21.92 8.89 -2.40
N SER D 131 22.62 8.24 -3.33
CA SER D 131 22.00 7.31 -4.26
C SER D 131 21.65 5.97 -3.63
N GLU D 132 22.23 5.68 -2.46
CA GLU D 132 22.05 4.38 -1.83
C GLU D 132 21.00 4.40 -0.71
N ILE D 133 20.19 5.45 -0.68
CA ILE D 133 19.18 5.61 0.35
C ILE D 133 17.77 5.65 -0.26
N LEU D 134 16.95 4.66 0.11
CA LEU D 134 15.65 4.47 -0.52
C LEU D 134 14.52 5.06 0.32
N TRP D 135 13.95 6.17 -0.17
CA TRP D 135 12.87 6.84 0.52
C TRP D 135 11.56 6.09 0.31
N GLY D 136 10.93 5.67 1.41
CA GLY D 136 9.65 4.98 1.35
C GLY D 136 9.79 3.49 1.21
N TYR D 137 10.86 2.94 1.77
CA TYR D 137 11.12 1.50 1.72
C TYR D 137 11.23 0.91 3.11
N ARG D 138 11.20 -0.42 3.18
CA ARG D 138 11.34 -1.13 4.45
C ARG D 138 12.13 -2.43 4.28
N PHE D 139 12.86 -2.81 5.33
CA PHE D 139 13.64 -4.04 5.32
C PHE D 139 12.74 -5.26 5.55
N THR D 140 12.82 -6.23 4.64
CA THR D 140 12.09 -7.47 4.82
C THR D 140 12.68 -8.19 6.04
N PRO D 141 11.81 -8.74 6.90
CA PRO D 141 12.25 -9.48 8.08
C PRO D 141 13.18 -10.63 7.70
N VAL D 142 13.86 -11.19 8.70
CA VAL D 142 14.72 -12.35 8.50
C VAL D 142 14.37 -13.41 9.52
N LEU D 143 13.40 -13.10 10.36
CA LEU D 143 13.10 -13.92 11.52
C LEU D 143 11.67 -14.47 11.51
N THR D 144 11.56 -15.80 11.59
CA THR D 144 10.27 -16.46 11.75
C THR D 144 10.46 -17.81 12.45
N LEU D 145 9.39 -18.58 12.54
CA LEU D 145 9.44 -19.92 13.14
C LEU D 145 9.08 -21.02 12.15
N GLU D 146 9.78 -22.15 12.25
CA GLU D 146 9.60 -23.26 11.31
C GLU D 146 9.13 -24.59 11.93
N ASP D 147 8.85 -24.61 13.24
CA ASP D 147 8.93 -23.45 14.12
C ASP D 147 9.63 -23.76 15.44
N GLY D 148 10.39 -24.85 15.46
CA GLY D 148 11.11 -25.28 16.67
C GLY D 148 12.10 -24.25 17.20
N PHE D 149 12.80 -23.60 16.28
CA PHE D 149 13.70 -22.49 16.63
C PHE D 149 13.09 -21.16 16.18
N TYR D 150 13.89 -20.11 16.29
CA TYR D 150 13.72 -18.94 15.46
C TYR D 150 14.79 -19.14 14.40
N GLU D 151 14.44 -19.04 13.13
CA GLU D 151 15.46 -19.21 12.12
C GLU D 151 15.64 -17.96 11.25
N VAL D 152 16.84 -17.82 10.69
CA VAL D 152 17.19 -16.65 9.90
C VAL D 152 17.40 -16.99 8.44
N ASP D 153 16.65 -16.34 7.57
CA ASP D 153 16.82 -16.50 6.14
C ASP D 153 17.76 -15.40 5.65
N TYR D 154 19.06 -15.71 5.61
CA TYR D 154 20.06 -14.71 5.24
C TYR D 154 19.99 -14.35 3.75
N ASN D 155 19.10 -15.03 3.03
CA ASN D 155 18.82 -14.68 1.65
C ASN D 155 18.07 -13.36 1.60
N SER D 156 17.17 -13.17 2.56
CA SER D 156 16.35 -11.96 2.64
C SER D 156 16.95 -10.94 3.60
N PHE D 157 18.27 -11.00 3.78
CA PHE D 157 18.96 -10.02 4.62
C PHE D 157 18.87 -8.63 4.00
N HIS D 158 19.28 -8.52 2.74
CA HIS D 158 19.25 -7.25 2.04
C HIS D 158 17.88 -6.98 1.42
N GLU D 159 17.02 -8.00 1.46
CA GLU D 159 15.69 -7.90 0.87
C GLU D 159 14.89 -6.72 1.43
N THR D 160 14.49 -5.81 0.56
CA THR D 160 13.81 -4.59 0.95
C THR D 160 12.62 -4.33 0.02
N TYR D 161 11.58 -3.68 0.54
CA TYR D 161 10.39 -3.38 -0.26
C TYR D 161 9.76 -2.04 0.07
N GLU D 162 9.02 -1.48 -0.89
CA GLU D 162 8.39 -0.17 -0.72
C GLU D 162 7.17 -0.24 0.18
N THR D 163 6.69 0.92 0.62
CA THR D 163 5.53 1.00 1.47
C THR D 163 4.95 2.40 1.46
N SER D 164 3.70 2.52 1.88
CA SER D 164 3.04 3.82 1.99
C SER D 164 3.87 4.76 2.84
N THR D 165 4.50 5.74 2.19
CA THR D 165 5.30 6.74 2.89
C THR D 165 5.23 8.09 2.20
N PRO D 166 4.67 9.10 2.88
CA PRO D 166 4.47 10.44 2.34
C PRO D 166 5.76 11.05 1.81
N SER D 167 5.64 12.13 1.04
CA SER D 167 6.79 12.77 0.43
C SER D 167 7.41 13.81 1.35
N LEU D 168 6.56 14.65 1.94
CA LEU D 168 7.04 15.77 2.76
C LEU D 168 8.17 15.40 3.73
N SER D 169 9.00 16.38 4.06
CA SER D 169 10.12 16.17 4.95
C SER D 169 9.68 16.06 6.40
N ALA D 170 10.57 15.54 7.25
CA ALA D 170 10.31 15.42 8.68
C ALA D 170 9.72 16.71 9.24
N LYS D 171 10.43 17.81 9.02
CA LYS D 171 9.96 19.13 9.42
C LYS D 171 8.51 19.32 8.99
N GLU D 172 8.29 19.29 7.69
CA GLU D 172 6.98 19.53 7.11
C GLU D 172 5.89 18.73 7.78
N LEU D 173 6.19 17.46 8.07
CA LEU D 173 5.23 16.58 8.73
C LEU D 173 4.78 17.14 10.06
N ALA D 174 5.75 17.50 10.90
CA ALA D 174 5.47 18.07 12.20
C ALA D 174 4.79 19.42 12.07
N GLU D 175 5.03 20.10 10.94
CA GLU D 175 4.36 21.36 10.66
C GLU D 175 2.87 21.13 10.41
N LEU D 176 2.56 20.04 9.73
CA LEU D 176 1.17 19.63 9.57
C LEU D 176 0.66 19.10 10.90
N ALA D 177 1.52 18.35 11.59
CA ALA D 177 1.20 17.91 12.94
C ALA D 177 0.61 19.07 13.72
N ASN D 178 1.25 20.24 13.62
CA ASN D 178 0.76 21.44 14.27
C ASN D 178 -0.41 22.09 13.53
N ARG D 179 -1.40 21.28 13.16
CA ARG D 179 -2.62 21.78 12.54
C ARG D 179 -3.80 20.87 12.83
CD CD E . -39.97 -1.84 -14.61
MG MG F . -26.30 12.39 -28.79
C1 EOH G . -8.57 11.13 -4.11
C2 EOH G . -7.17 10.94 -4.68
O EOH G . -9.11 12.40 -4.43
CD CD H . 22.75 -17.31 17.55
MG MG I . 36.93 -0.04 27.01
C1 EOH J . 30.31 13.39 0.11
C2 EOH J . 29.81 14.68 0.74
O EOH J . 31.10 12.63 0.99
#